data_5B6H
#
_entry.id   5B6H
#
_cell.length_a   60.875
_cell.length_b   78.554
_cell.length_c   53.885
_cell.angle_alpha   90.000
_cell.angle_beta   116.560
_cell.angle_gamma   90.000
#
_symmetry.space_group_name_H-M   'C 1 2 1'
#
loop_
_entity.id
_entity.type
_entity.pdbx_description
1 polymer 'Adenine phosphoribosyltransferase'
2 non-polymer 'ADENOSINE MONOPHOSPHATE'
3 non-polymer 'SODIUM ION'
4 non-polymer 'CHLORIDE ION'
5 water water
#
_entity_poly.entity_id   1
_entity_poly.type   'polypeptide(L)'
_entity_poly.pdbx_seq_one_letter_code
;KTAQQLKYIKDSIKTIPDYPKAGILFRDVTSLLENPKAYSASIELLSEHYSESGVTKVVGTEARGFLFGAPVALALGVGF
VPVRKPGKLPRETISESYELEYGTDTLEIHTDSIQPGDKVLVVDDLLATGGTIEATVKLIRRLGGEVVHAAFIINLPELG
GEARLTQQGIHCYSLVSFDGH
;
_entity_poly.pdbx_strand_id   A
#
loop_
_chem_comp.id
_chem_comp.type
_chem_comp.name
_chem_comp.formula
AMP non-polymer 'ADENOSINE MONOPHOSPHATE' 'C10 H14 N5 O7 P'
CL non-polymer 'CHLORIDE ION' 'Cl -1'
NA non-polymer 'SODIUM ION' 'Na 1'
#
# COMPACT_ATOMS: atom_id res chain seq x y z
N LYS A 1 12.26 -12.10 -19.03
CA LYS A 1 11.10 -12.77 -18.39
C LYS A 1 10.56 -11.75 -17.39
N THR A 2 10.89 -11.94 -16.11
CA THR A 2 10.49 -10.95 -15.09
C THR A 2 11.39 -9.69 -15.14
N ALA A 3 12.69 -9.79 -15.33
CA ALA A 3 13.48 -8.56 -15.42
C ALA A 3 12.93 -7.66 -16.52
N GLN A 4 12.44 -8.26 -17.59
CA GLN A 4 11.96 -7.45 -18.66
C GLN A 4 10.61 -6.76 -18.28
N GLN A 5 9.76 -7.47 -17.54
CA GLN A 5 8.45 -6.99 -17.13
C GLN A 5 8.71 -5.89 -16.08
N LEU A 6 9.59 -6.18 -15.11
CA LEU A 6 9.91 -5.18 -14.10
C LEU A 6 10.47 -3.90 -14.70
N LYS A 7 11.30 -4.04 -15.75
CA LYS A 7 11.80 -2.87 -16.41
C LYS A 7 10.75 -2.05 -17.13
N TYR A 8 9.81 -2.72 -17.80
CA TYR A 8 8.79 -2.06 -18.54
C TYR A 8 7.91 -1.26 -17.49
N ILE A 9 7.69 -1.84 -16.33
CA ILE A 9 6.94 -1.12 -15.28
C ILE A 9 7.73 0.09 -14.82
N LYS A 10 8.99 -0.10 -14.52
CA LYS A 10 9.79 1.01 -14.07
C LYS A 10 9.87 2.11 -15.06
N ASP A 11 10.00 1.75 -16.35
CA ASP A 11 10.10 2.76 -17.40
C ASP A 11 8.78 3.49 -17.57
N SER A 12 7.68 2.84 -17.30
CA SER A 12 6.37 3.51 -17.44
C SER A 12 6.11 4.63 -16.39
N ILE A 13 6.83 4.60 -15.29
CA ILE A 13 6.64 5.57 -14.19
C ILE A 13 7.39 6.86 -14.54
N LYS A 14 6.71 8.01 -14.51
CA LYS A 14 7.40 9.30 -14.79
C LYS A 14 7.90 9.92 -13.51
N THR A 15 8.92 10.75 -13.62
CA THR A 15 9.50 11.43 -12.46
C THR A 15 9.33 12.91 -12.72
N ILE A 16 8.67 13.61 -11.83
CA ILE A 16 8.45 15.01 -11.96
C ILE A 16 9.30 15.66 -10.91
N PRO A 17 10.35 16.36 -11.34
CA PRO A 17 11.20 17.00 -10.35
C PRO A 17 10.51 18.18 -9.70
N ASP A 18 10.89 18.45 -8.46
CA ASP A 18 10.44 19.61 -7.70
C ASP A 18 8.96 19.75 -7.51
N TYR A 19 8.23 18.62 -7.51
CA TYR A 19 6.83 18.61 -7.14
C TYR A 19 6.68 17.64 -5.98
N PRO A 20 5.87 17.95 -4.94
CA PRO A 20 5.13 19.21 -4.83
C PRO A 20 6.02 20.39 -4.43
N LYS A 21 7.28 20.16 -4.10
CA LYS A 21 8.12 21.30 -3.82
C LYS A 21 9.56 20.99 -4.15
N ALA A 22 10.41 22.02 -4.16
CA ALA A 22 11.76 21.92 -4.71
C ALA A 22 12.50 20.87 -3.95
N GLY A 23 13.32 20.10 -4.65
CA GLY A 23 14.02 18.98 -4.00
C GLY A 23 13.34 17.63 -4.17
N ILE A 24 12.05 17.55 -3.94
CA ILE A 24 11.36 16.29 -4.14
C ILE A 24 11.39 15.82 -5.63
N LEU A 25 11.65 14.52 -5.84
CA LEU A 25 11.50 13.90 -7.12
C LEU A 25 10.20 13.10 -6.97
N PHE A 26 9.14 13.58 -7.64
CA PHE A 26 7.83 12.93 -7.46
C PHE A 26 7.79 11.77 -8.44
N ARG A 27 7.45 10.58 -7.99
CA ARG A 27 7.28 9.45 -8.84
C ARG A 27 5.78 9.31 -9.18
N ASP A 28 5.45 9.51 -10.44
CA ASP A 28 4.04 9.63 -10.88
C ASP A 28 3.61 8.32 -11.40
N VAL A 29 2.78 7.59 -10.64
CA VAL A 29 2.20 6.38 -11.12
C VAL A 29 1.07 6.55 -12.16
N THR A 30 0.62 7.76 -12.44
CA THR A 30 -0.48 7.85 -13.41
C THR A 30 -0.01 7.43 -14.81
N SER A 31 1.26 7.60 -15.12
CA SER A 31 1.74 7.13 -16.44
C SER A 31 1.76 5.64 -16.52
N LEU A 32 1.88 4.96 -15.42
CA LEU A 32 1.74 3.53 -15.41
C LEU A 32 0.28 3.12 -15.57
N LEU A 33 -0.65 3.80 -14.83
CA LEU A 33 -2.03 3.44 -14.87
C LEU A 33 -2.59 3.58 -16.34
N GLU A 34 -2.08 4.57 -17.05
CA GLU A 34 -2.62 4.81 -18.38
C GLU A 34 -2.07 3.82 -19.42
N ASN A 35 -1.12 3.01 -19.07
CA ASN A 35 -0.52 1.99 -20.00
C ASN A 35 -1.07 0.63 -19.58
N PRO A 36 -2.07 0.10 -20.33
CA PRO A 36 -2.69 -1.13 -19.94
C PRO A 36 -1.72 -2.26 -19.73
N LYS A 37 -0.58 -2.28 -20.47
CA LYS A 37 0.34 -3.32 -20.29
C LYS A 37 1.10 -3.24 -18.98
N ALA A 38 1.58 -2.05 -18.71
CA ALA A 38 2.30 -1.80 -17.45
C ALA A 38 1.39 -2.01 -16.20
N TYR A 39 0.16 -1.53 -16.30
CA TYR A 39 -0.82 -1.64 -15.17
C TYR A 39 -1.16 -3.07 -14.89
N SER A 40 -1.52 -3.80 -15.95
N SER A 40 -1.53 -3.81 -15.93
CA SER A 40 -1.90 -5.21 -15.81
CA SER A 40 -1.89 -5.23 -15.74
C SER A 40 -0.72 -6.07 -15.25
C SER A 40 -0.71 -6.08 -15.24
N ALA A 41 0.51 -5.78 -15.66
CA ALA A 41 1.68 -6.53 -15.22
C ALA A 41 1.89 -6.24 -13.74
N SER A 42 1.61 -5.00 -13.36
CA SER A 42 1.83 -4.55 -11.91
C SER A 42 0.98 -5.39 -11.00
N ILE A 43 -0.26 -5.53 -11.39
CA ILE A 43 -1.21 -6.28 -10.58
C ILE A 43 -0.91 -7.80 -10.58
N GLU A 44 -0.62 -8.35 -11.77
CA GLU A 44 -0.13 -9.69 -11.92
C GLU A 44 1.02 -9.99 -11.00
N LEU A 45 2.04 -9.15 -10.97
CA LEU A 45 3.22 -9.44 -10.18
C LEU A 45 2.96 -9.34 -8.68
N LEU A 46 2.15 -8.35 -8.24
CA LEU A 46 1.83 -8.25 -6.83
C LEU A 46 0.95 -9.41 -6.45
N SER A 47 -0.01 -9.79 -7.26
CA SER A 47 -0.88 -10.83 -6.76
C SER A 47 -0.23 -12.20 -6.89
N GLU A 48 0.71 -12.35 -7.81
CA GLU A 48 1.45 -13.63 -8.02
C GLU A 48 2.21 -13.96 -6.76
N HIS A 49 2.94 -12.94 -6.30
CA HIS A 49 3.72 -13.01 -5.18
C HIS A 49 3.00 -13.56 -3.96
N TYR A 50 1.74 -13.25 -3.74
CA TYR A 50 1.05 -13.72 -2.51
C TYR A 50 0.06 -14.85 -2.78
N SER A 51 0.18 -15.46 -3.95
CA SER A 51 -0.82 -16.47 -4.44
C SER A 51 -0.92 -17.67 -3.47
N GLU A 52 0.19 -18.05 -2.84
CA GLU A 52 0.10 -19.17 -1.87
C GLU A 52 0.13 -18.72 -0.42
N SER A 53 -0.07 -17.43 -0.17
CA SER A 53 0.12 -16.86 1.15
C SER A 53 -1.07 -17.01 2.09
N GLY A 54 -2.19 -17.54 1.68
CA GLY A 54 -3.31 -17.62 2.67
C GLY A 54 -4.09 -16.31 2.96
N VAL A 55 -3.90 -15.28 2.11
CA VAL A 55 -4.55 -14.00 2.34
C VAL A 55 -6.04 -14.09 2.36
N THR A 56 -6.73 -13.55 3.34
CA THR A 56 -8.19 -13.45 3.25
C THR A 56 -8.82 -12.03 2.97
N LYS A 57 -8.03 -10.97 3.03
CA LYS A 57 -8.52 -9.58 2.85
C LYS A 57 -7.39 -8.81 2.34
N VAL A 58 -7.68 -7.76 1.52
CA VAL A 58 -6.66 -6.76 1.17
C VAL A 58 -7.13 -5.40 1.67
N VAL A 59 -6.21 -4.61 2.22
CA VAL A 59 -6.47 -3.35 2.76
C VAL A 59 -5.59 -2.38 1.94
N GLY A 60 -6.23 -1.32 1.45
CA GLY A 60 -5.50 -0.22 0.75
C GLY A 60 -5.97 1.15 1.29
N THR A 61 -5.04 2.15 1.32
CA THR A 61 -5.36 3.40 1.86
C THR A 61 -5.76 4.34 0.68
N GLU A 62 -6.62 5.28 0.99
CA GLU A 62 -7.08 6.24 0.07
C GLU A 62 -5.92 7.16 -0.32
N ALA A 63 -5.87 7.72 -1.53
CA ALA A 63 -6.73 7.32 -2.67
C ALA A 63 -5.93 6.49 -3.69
N ARG A 64 -4.66 6.75 -3.84
CA ARG A 64 -3.88 6.01 -4.87
C ARG A 64 -3.67 4.62 -4.48
N GLY A 65 -3.67 4.32 -3.18
CA GLY A 65 -3.62 2.95 -2.72
C GLY A 65 -4.78 2.11 -3.25
N PHE A 66 -5.94 2.66 -3.39
CA PHE A 66 -7.12 1.98 -3.94
C PHE A 66 -6.83 1.40 -5.31
N LEU A 67 -6.06 2.12 -6.10
CA LEU A 67 -5.74 1.71 -7.49
C LEU A 67 -4.91 0.47 -7.67
N PHE A 68 -4.24 0.07 -6.61
CA PHE A 68 -3.41 -1.15 -6.58
C PHE A 68 -3.95 -2.21 -5.64
N GLY A 69 -4.48 -1.78 -4.50
CA GLY A 69 -5.04 -2.80 -3.63
C GLY A 69 -6.33 -3.40 -4.12
N ALA A 70 -7.26 -2.62 -4.68
CA ALA A 70 -8.51 -3.26 -5.02
C ALA A 70 -8.34 -4.32 -6.19
N PRO A 71 -7.57 -3.99 -7.21
CA PRO A 71 -7.29 -4.98 -8.27
C PRO A 71 -6.54 -6.21 -7.74
N VAL A 72 -5.65 -6.05 -6.76
CA VAL A 72 -5.03 -7.24 -6.14
C VAL A 72 -6.04 -8.06 -5.40
N ALA A 73 -6.97 -7.41 -4.69
CA ALA A 73 -8.01 -8.11 -4.03
C ALA A 73 -8.83 -8.94 -5.02
N LEU A 74 -9.24 -8.34 -6.11
CA LEU A 74 -10.00 -9.06 -7.16
C LEU A 74 -9.14 -10.18 -7.74
N ALA A 75 -7.87 -9.95 -7.99
CA ALA A 75 -7.02 -11.06 -8.49
C ALA A 75 -6.83 -12.24 -7.52
N LEU A 76 -6.78 -12.00 -6.22
CA LEU A 76 -6.75 -13.05 -5.30
C LEU A 76 -8.10 -13.62 -4.92
N GLY A 77 -9.18 -13.06 -5.39
CA GLY A 77 -10.53 -13.51 -4.98
C GLY A 77 -10.86 -13.23 -3.53
N VAL A 78 -10.34 -12.16 -2.97
CA VAL A 78 -10.65 -11.75 -1.58
C VAL A 78 -11.30 -10.35 -1.48
N GLY A 79 -11.90 -10.07 -0.32
CA GLY A 79 -12.56 -8.81 -0.19
C GLY A 79 -11.47 -7.70 0.00
N PHE A 80 -11.89 -6.55 -0.39
CA PHE A 80 -11.13 -5.28 -0.28
C PHE A 80 -11.75 -4.38 0.79
N VAL A 81 -10.90 -3.82 1.66
CA VAL A 81 -11.33 -3.02 2.76
C VAL A 81 -10.50 -1.68 2.69
N PRO A 82 -11.18 -0.53 2.53
CA PRO A 82 -10.44 0.70 2.46
C PRO A 82 -10.11 1.32 3.80
N VAL A 83 -8.98 2.00 3.89
CA VAL A 83 -8.67 2.77 5.04
C VAL A 83 -8.69 4.25 4.53
N ARG A 84 -9.45 5.08 5.22
CA ARG A 84 -9.81 6.38 4.73
C ARG A 84 -9.46 7.48 5.69
N LYS A 85 -9.38 8.69 5.10
CA LYS A 85 -9.37 9.88 5.88
C LYS A 85 -10.63 10.02 6.65
N PRO A 86 -10.60 10.81 7.71
CA PRO A 86 -11.70 10.77 8.64
C PRO A 86 -12.98 11.36 8.08
N GLY A 87 -14.11 10.78 8.46
CA GLY A 87 -15.43 11.25 8.12
C GLY A 87 -15.89 10.76 6.76
N LYS A 88 -15.20 9.82 6.15
CA LYS A 88 -15.58 9.34 4.80
C LYS A 88 -16.31 7.94 4.93
N LEU A 89 -16.08 7.20 5.98
CA LEU A 89 -16.69 5.88 6.18
C LEU A 89 -17.96 5.99 6.99
N PRO A 90 -19.07 5.40 6.54
CA PRO A 90 -20.36 5.60 7.19
C PRO A 90 -20.72 4.72 8.39
N ARG A 91 -20.09 3.56 8.59
CA ARG A 91 -20.46 2.65 9.68
C ARG A 91 -19.45 2.84 10.76
N GLU A 92 -19.44 1.97 11.74
CA GLU A 92 -18.60 2.19 12.89
C GLU A 92 -17.14 1.99 12.53
N THR A 93 -16.30 2.93 12.96
CA THR A 93 -14.86 2.98 12.70
C THR A 93 -14.04 2.98 13.96
N ILE A 94 -12.79 2.56 13.88
CA ILE A 94 -11.78 3.09 14.79
C ILE A 94 -10.82 3.95 14.00
N SER A 95 -9.97 4.68 14.71
CA SER A 95 -9.01 5.50 14.06
C SER A 95 -7.61 5.45 14.68
N GLU A 96 -6.62 5.80 13.85
CA GLU A 96 -5.27 5.92 14.31
C GLU A 96 -4.71 7.20 13.78
N SER A 97 -4.02 7.97 14.63
N SER A 97 -4.00 7.93 14.63
CA SER A 97 -3.26 9.15 14.16
CA SER A 97 -3.21 9.08 14.22
C SER A 97 -1.76 8.85 14.06
C SER A 97 -1.89 8.61 13.65
N TYR A 98 -1.13 9.57 13.14
CA TYR A 98 0.21 9.34 12.73
C TYR A 98 0.84 10.78 12.60
N GLU A 99 2.06 10.96 13.15
CA GLU A 99 2.87 12.20 13.01
C GLU A 99 3.27 12.40 11.59
N LEU A 100 3.13 13.64 11.13
CA LEU A 100 3.74 14.06 9.94
C LEU A 100 4.87 15.03 10.35
N GLU A 101 5.58 15.56 9.38
CA GLU A 101 6.67 16.51 9.65
C GLU A 101 6.12 17.65 10.44
N TYR A 102 5.02 18.20 9.95
CA TYR A 102 4.26 19.16 10.70
C TYR A 102 2.89 18.66 10.80
N GLY A 103 2.44 18.53 12.04
CA GLY A 103 1.11 18.14 12.33
C GLY A 103 0.88 16.64 12.32
N THR A 104 -0.37 16.28 12.39
CA THR A 104 -0.76 14.91 12.50
C THR A 104 -1.88 14.65 11.49
N ASP A 105 -2.03 13.42 11.06
CA ASP A 105 -3.25 13.06 10.39
C ASP A 105 -3.76 11.78 10.96
N THR A 106 -4.91 11.35 10.44
CA THR A 106 -5.64 10.25 10.99
C THR A 106 -6.18 9.36 9.85
N LEU A 107 -6.22 8.04 10.09
CA LEU A 107 -6.86 7.12 9.25
C LEU A 107 -7.88 6.31 10.02
N GLU A 108 -8.93 5.89 9.31
CA GLU A 108 -10.02 5.12 9.88
C GLU A 108 -10.31 3.86 9.11
N ILE A 109 -10.90 2.87 9.79
CA ILE A 109 -11.33 1.64 9.13
C ILE A 109 -12.68 1.20 9.74
N HIS A 110 -13.49 0.50 8.95
CA HIS A 110 -14.75 -0.05 9.47
C HIS A 110 -14.43 -1.22 10.44
N THR A 111 -14.90 -1.06 11.67
CA THR A 111 -14.68 -2.13 12.68
C THR A 111 -15.23 -3.48 12.23
N ASP A 112 -16.29 -3.51 11.44
CA ASP A 112 -16.89 -4.79 11.04
C ASP A 112 -16.12 -5.52 9.93
N SER A 113 -15.10 -4.91 9.35
CA SER A 113 -14.57 -5.41 8.07
C SER A 113 -13.34 -6.24 8.24
N ILE A 114 -12.86 -6.27 9.48
CA ILE A 114 -11.71 -7.10 9.89
C ILE A 114 -12.17 -7.84 11.17
N GLN A 115 -11.88 -9.11 11.26
CA GLN A 115 -12.16 -9.79 12.56
C GLN A 115 -11.07 -10.76 12.84
N PRO A 116 -11.00 -11.29 14.11
CA PRO A 116 -9.92 -12.20 14.43
C PRO A 116 -9.82 -13.32 13.41
N GLY A 117 -8.62 -13.69 13.01
CA GLY A 117 -8.56 -14.80 12.03
C GLY A 117 -8.18 -14.31 10.65
N ASP A 118 -8.63 -13.11 10.29
CA ASP A 118 -8.33 -12.55 8.96
C ASP A 118 -6.83 -12.47 8.81
N LYS A 119 -6.34 -12.96 7.68
CA LYS A 119 -4.96 -12.71 7.25
C LYS A 119 -4.96 -11.60 6.23
N VAL A 120 -4.34 -10.49 6.55
CA VAL A 120 -4.53 -9.21 5.73
C VAL A 120 -3.29 -8.82 5.01
N LEU A 121 -3.38 -8.56 3.71
CA LEU A 121 -2.30 -8.03 2.94
C LEU A 121 -2.58 -6.49 2.81
N VAL A 122 -1.63 -5.66 3.17
CA VAL A 122 -1.73 -4.22 2.83
C VAL A 122 -1.05 -4.01 1.49
N VAL A 123 -1.68 -3.15 0.62
CA VAL A 123 -1.17 -2.87 -0.70
C VAL A 123 -1.30 -1.37 -0.87
N ASP A 124 -0.21 -0.76 -1.34
CA ASP A 124 -0.22 0.70 -1.57
C ASP A 124 0.56 1.08 -2.82
N ASP A 125 0.56 2.36 -3.19
CA ASP A 125 1.26 2.67 -4.41
C ASP A 125 2.75 2.80 -4.09
N LEU A 126 3.07 3.44 -2.99
CA LEU A 126 4.43 3.86 -2.73
C LEU A 126 4.79 3.91 -1.24
N LEU A 127 6.00 3.42 -0.93
CA LEU A 127 6.51 3.47 0.47
C LEU A 127 7.54 4.57 0.63
N ALA A 128 7.20 5.54 1.48
CA ALA A 128 8.15 6.67 1.70
C ALA A 128 8.63 6.61 3.12
N THR A 129 7.95 7.33 4.02
CA THR A 129 8.32 7.31 5.45
C THR A 129 7.74 6.15 6.15
N GLY A 130 6.67 5.56 5.62
CA GLY A 130 6.01 4.49 6.29
C GLY A 130 4.96 4.93 7.30
N GLY A 131 4.74 6.22 7.50
CA GLY A 131 3.81 6.58 8.53
C GLY A 131 2.39 6.11 8.26
N THR A 132 1.89 6.23 6.98
CA THR A 132 0.53 5.79 6.77
C THR A 132 0.35 4.32 6.97
N ILE A 133 1.31 3.53 6.51
CA ILE A 133 1.22 2.10 6.59
C ILE A 133 1.35 1.59 8.06
N GLU A 134 2.18 2.27 8.82
CA GLU A 134 2.30 1.94 10.25
C GLU A 134 0.93 2.14 10.97
N ALA A 135 0.24 3.23 10.60
CA ALA A 135 -1.06 3.48 11.23
C ALA A 135 -2.10 2.45 10.74
N THR A 136 -2.00 2.05 9.49
CA THR A 136 -2.93 1.07 8.91
C THR A 136 -2.78 -0.29 9.62
N VAL A 137 -1.53 -0.67 9.78
CA VAL A 137 -1.18 -1.97 10.42
C VAL A 137 -1.78 -2.03 11.83
N LYS A 138 -1.68 -0.90 12.57
CA LYS A 138 -2.19 -0.80 14.01
C LYS A 138 -3.68 -0.89 14.02
N LEU A 139 -4.33 -0.35 12.92
CA LEU A 139 -5.74 -0.49 12.78
C LEU A 139 -6.16 -1.92 12.56
N ILE A 140 -5.45 -2.65 11.72
CA ILE A 140 -5.88 -3.95 11.38
C ILE A 140 -5.64 -4.87 12.60
N ARG A 141 -4.48 -4.68 13.17
CA ARG A 141 -4.13 -5.49 14.45
C ARG A 141 -5.07 -5.18 15.60
N ARG A 142 -5.51 -3.95 15.83
CA ARG A 142 -6.60 -3.70 16.82
C ARG A 142 -7.84 -4.49 16.60
N LEU A 143 -8.11 -4.86 15.35
CA LEU A 143 -9.35 -5.57 15.08
C LEU A 143 -9.20 -7.08 15.06
N GLY A 144 -8.03 -7.58 15.36
CA GLY A 144 -7.79 -9.04 15.51
C GLY A 144 -7.20 -9.55 14.20
N GLY A 145 -6.88 -8.64 13.24
CA GLY A 145 -6.39 -9.20 11.96
C GLY A 145 -4.90 -9.45 12.03
N GLU A 146 -4.41 -10.46 11.30
CA GLU A 146 -3.00 -10.73 11.23
CA GLU A 146 -2.97 -10.76 11.20
C GLU A 146 -2.40 -10.11 9.96
N VAL A 147 -1.40 -9.27 10.12
CA VAL A 147 -0.80 -8.72 8.94
C VAL A 147 0.67 -8.82 9.11
N VAL A 148 1.34 -9.43 8.14
CA VAL A 148 2.79 -9.36 8.10
C VAL A 148 3.40 -9.00 6.78
N HIS A 149 2.52 -8.62 5.78
CA HIS A 149 2.98 -8.36 4.44
C HIS A 149 2.32 -6.99 4.00
N ALA A 150 3.17 -6.16 3.48
CA ALA A 150 2.75 -4.95 2.73
C ALA A 150 3.47 -4.94 1.44
N ALA A 151 2.75 -4.59 0.36
CA ALA A 151 3.22 -4.64 -1.00
C ALA A 151 3.00 -3.30 -1.63
N PHE A 152 3.98 -2.85 -2.40
CA PHE A 152 3.94 -1.54 -3.02
C PHE A 152 4.35 -1.63 -4.46
N ILE A 153 4.00 -0.65 -5.26
CA ILE A 153 4.62 -0.56 -6.56
C ILE A 153 6.06 -0.05 -6.43
N ILE A 154 6.21 0.95 -5.62
CA ILE A 154 7.42 1.71 -5.50
C ILE A 154 7.88 1.78 -4.05
N ASN A 155 9.19 1.60 -3.83
CA ASN A 155 9.83 1.81 -2.52
C ASN A 155 10.86 2.93 -2.61
N LEU A 156 10.86 3.88 -1.67
CA LEU A 156 11.93 4.90 -1.63
C LEU A 156 12.75 4.64 -0.36
N PRO A 157 13.74 3.73 -0.47
CA PRO A 157 14.36 3.18 0.75
C PRO A 157 15.09 4.27 1.57
N GLU A 158 15.62 5.31 0.90
CA GLU A 158 16.25 6.43 1.62
C GLU A 158 15.34 7.12 2.62
N LEU A 159 14.04 7.11 2.41
CA LEU A 159 13.18 7.74 3.36
C LEU A 159 12.86 6.91 4.59
N GLY A 160 13.32 5.66 4.66
CA GLY A 160 13.26 4.92 5.96
C GLY A 160 12.02 4.07 6.27
N GLY A 161 11.06 3.95 5.34
CA GLY A 161 9.80 3.34 5.71
C GLY A 161 9.89 1.83 5.88
N GLU A 162 10.67 1.21 5.03
CA GLU A 162 10.88 -0.19 5.11
C GLU A 162 11.46 -0.58 6.47
N ALA A 163 12.46 0.19 6.88
CA ALA A 163 13.08 0.07 8.17
C ALA A 163 12.04 0.18 9.34
N ARG A 164 11.24 1.20 9.29
CA ARG A 164 10.21 1.37 10.26
C ARG A 164 9.17 0.24 10.28
N LEU A 165 8.82 -0.27 9.11
CA LEU A 165 7.83 -1.30 9.04
C LEU A 165 8.46 -2.64 9.60
N THR A 166 9.72 -2.85 9.24
CA THR A 166 10.49 -3.99 9.81
C THR A 166 10.34 -4.05 11.31
N GLN A 167 10.43 -2.92 11.98
CA GLN A 167 10.30 -2.86 13.42
C GLN A 167 8.90 -3.10 13.95
N GLN A 168 7.91 -3.21 13.05
CA GLN A 168 6.52 -3.53 13.43
CA GLN A 168 6.56 -3.54 13.46
C GLN A 168 6.28 -5.00 13.06
N GLY A 169 7.33 -5.68 12.59
CA GLY A 169 7.11 -7.08 12.11
C GLY A 169 6.45 -7.28 10.71
N ILE A 170 6.56 -6.24 9.82
CA ILE A 170 5.99 -6.30 8.47
C ILE A 170 7.07 -6.58 7.45
N HIS A 171 6.84 -7.52 6.56
CA HIS A 171 7.74 -7.73 5.42
C HIS A 171 7.21 -6.95 4.22
N CYS A 172 8.03 -6.13 3.61
CA CYS A 172 7.67 -5.33 2.45
C CYS A 172 8.20 -5.91 1.15
N TYR A 173 7.37 -5.91 0.11
CA TYR A 173 7.76 -6.30 -1.24
C TYR A 173 7.39 -5.07 -2.08
N SER A 174 8.33 -4.62 -2.91
CA SER A 174 8.09 -3.56 -3.92
C SER A 174 8.55 -4.03 -5.30
N LEU A 175 7.87 -3.56 -6.34
CA LEU A 175 8.24 -3.92 -7.70
C LEU A 175 9.48 -3.16 -8.07
N VAL A 176 9.56 -1.89 -7.73
CA VAL A 176 10.66 -1.07 -8.16
C VAL A 176 11.11 -0.14 -7.06
N SER A 177 12.29 0.40 -7.23
CA SER A 177 12.91 1.24 -6.25
C SER A 177 13.55 2.41 -6.89
N PHE A 178 13.47 3.57 -6.24
CA PHE A 178 14.15 4.79 -6.74
C PHE A 178 14.87 5.40 -5.57
N ASP A 179 15.87 6.22 -5.88
CA ASP A 179 16.88 6.70 -4.91
C ASP A 179 16.77 8.20 -4.53
P AMP B . 4.41 7.45 3.68
O1P AMP B . 5.38 8.67 3.96
O2P AMP B . 5.10 6.14 3.30
O3P AMP B . 3.26 7.42 4.62
O5' AMP B . 3.72 7.86 2.17
C5' AMP B . 2.41 8.38 2.03
C4' AMP B . 2.18 8.58 0.47
O4' AMP B . 2.92 9.77 0.07
C3' AMP B . 2.68 7.44 -0.40
O3' AMP B . 1.81 6.27 -0.33
C2' AMP B . 2.78 8.18 -1.72
O2' AMP B . 1.43 8.17 -2.26
C1' AMP B . 3.18 9.60 -1.36
N9 AMP B . 4.58 9.96 -1.69
C8 AMP B . 5.55 10.29 -0.82
N7 AMP B . 6.69 10.65 -1.46
C5 AMP B . 6.46 10.50 -2.73
C6 AMP B . 7.20 10.75 -3.94
N6 AMP B . 8.47 11.13 -3.91
N1 AMP B . 6.57 10.56 -5.10
C2 AMP B . 5.29 10.17 -5.18
N3 AMP B . 4.52 9.96 -4.11
C4 AMP B . 5.08 10.09 -2.89
NA NA C . -0.28 5.80 -0.81
NA NA D . -14.11 -6.49 13.52
CL CL E . -10.61 4.62 17.74
#